data_7TZV
#
_entry.id   7TZV
#
_cell.length_a   58.023
_cell.length_b   85.338
_cell.length_c   93.326
_cell.angle_alpha   90.000
_cell.angle_beta   90.000
_cell.angle_gamma   90.000
#
_symmetry.space_group_name_H-M   'P 21 21 21'
#
loop_
_entity.id
_entity.type
_entity.pdbx_description
1 polymer 'WYL domain-containing protein'
2 polymer "DNA (5'-D(*TP*AP*GP*TP*CP*TP*AP*CP*T)-3')"
3 water water
#
loop_
_entity_poly.entity_id
_entity_poly.type
_entity_poly.pdbx_seq_one_letter_code
_entity_poly.pdbx_strand_id
1 'polypeptide(L)'
;GSHMETIAVHAGPRPYEDQAVLGAIRAAIKGLQALSFRYEGGSTPGRTREVTPLGVLFGRSNYLVALEGKGGKPRSWRLD
RMSDLKVLDKPAPPPQDFSLQAFADESFGIYHDEIQDVVLRIHKSRAEDALRWRFHATQQVTPEADGSVLVTFRAGGMRE
LSWHLFTWGDAVEIVAPQVLKDMMVQELREAGRAHGAW
;
A,M
2 'polydeoxyribonucleotide' (DT)(DA)(DG)(DT)(DC)(DT)(DA)(DC)(DT) J
#
loop_
_chem_comp.id
_chem_comp.type
_chem_comp.name
_chem_comp.formula
DA DNA linking 2'-DEOXYADENOSINE-5'-MONOPHOSPHATE 'C10 H14 N5 O6 P'
DC DNA linking 2'-DEOXYCYTIDINE-5'-MONOPHOSPHATE 'C9 H14 N3 O7 P'
DG DNA linking 2'-DEOXYGUANOSINE-5'-MONOPHOSPHATE 'C10 H14 N5 O7 P'
DT DNA linking THYMIDINE-5'-MONOPHOSPHATE 'C10 H15 N2 O8 P'
#
# COMPACT_ATOMS: atom_id res chain seq x y z
N THR A 6 -13.98 8.63 -9.16
CA THR A 6 -12.66 8.02 -9.12
C THR A 6 -12.53 6.83 -10.09
N ILE A 7 -11.35 6.69 -10.72
CA ILE A 7 -11.01 5.54 -11.54
C ILE A 7 -9.74 4.83 -11.10
N ALA A 8 -9.09 5.27 -10.03
CA ALA A 8 -8.00 4.50 -9.46
C ALA A 8 -8.17 4.59 -7.95
N VAL A 9 -8.02 3.44 -7.27
CA VAL A 9 -8.16 3.35 -5.82
C VAL A 9 -6.99 2.55 -5.28
N HIS A 10 -6.47 2.98 -4.10
CA HIS A 10 -5.44 2.23 -3.39
C HIS A 10 -6.16 1.46 -2.30
N ALA A 11 -6.05 0.14 -2.37
CA ALA A 11 -6.77 -0.74 -1.50
C ALA A 11 -6.08 -0.75 -0.16
N GLY A 12 -6.83 -1.04 0.89
CA GLY A 12 -6.13 -1.34 2.14
C GLY A 12 -6.18 -0.23 3.19
N PRO A 13 -5.60 -0.49 4.37
CA PRO A 13 -5.65 0.46 5.46
C PRO A 13 -4.67 1.62 5.22
N ARG A 14 -4.90 2.69 5.94
CA ARG A 14 -4.09 3.90 5.75
C ARG A 14 -4.40 4.86 6.89
N PRO A 15 -3.56 5.84 7.14
CA PRO A 15 -3.96 6.89 8.11
C PRO A 15 -5.17 7.67 7.62
N TYR A 16 -6.00 8.08 8.58
CA TYR A 16 -6.97 9.10 8.26
C TYR A 16 -6.22 10.31 7.74
N GLU A 17 -6.79 10.94 6.71
CA GLU A 17 -6.21 12.12 6.03
C GLU A 17 -7.24 13.25 6.08
N ASP A 18 -6.79 14.49 6.30
CA ASP A 18 -7.65 15.68 6.20
C ASP A 18 -7.82 16.06 4.73
N GLN A 19 -9.03 15.85 4.17
CA GLN A 19 -9.25 16.10 2.75
C GLN A 19 -9.04 17.56 2.38
N ALA A 20 -9.33 18.48 3.30
CA ALA A 20 -9.17 19.90 2.98
C ALA A 20 -7.70 20.26 2.78
N VAL A 21 -6.83 19.63 3.57
CA VAL A 21 -5.38 19.82 3.45
C VAL A 21 -4.91 19.26 2.11
N LEU A 22 -5.30 18.03 1.79
CA LEU A 22 -4.93 17.48 0.49
C LEU A 22 -5.48 18.33 -0.62
N GLY A 23 -6.67 18.92 -0.40
CA GLY A 23 -7.28 19.70 -1.45
C GLY A 23 -6.51 20.97 -1.73
N ALA A 24 -6.09 21.67 -0.67
CA ALA A 24 -5.26 22.87 -0.85
C ALA A 24 -3.94 22.54 -1.51
N ILE A 25 -3.31 21.43 -1.10
CA ILE A 25 -2.05 21.04 -1.72
C ILE A 25 -2.25 20.79 -3.21
N ARG A 26 -3.33 20.07 -3.57
CA ARG A 26 -3.59 19.78 -4.98
C ARG A 26 -3.88 21.02 -5.77
N ALA A 27 -4.64 21.95 -5.19
CA ALA A 27 -4.95 23.21 -5.86
C ALA A 27 -3.72 24.07 -6.11
N ALA A 28 -2.82 24.15 -5.12
CA ALA A 28 -1.58 24.90 -5.31
C ALA A 28 -0.75 24.30 -6.43
N ILE A 29 -0.61 22.96 -6.46
CA ILE A 29 0.22 22.33 -7.47
C ILE A 29 -0.39 22.55 -8.84
N LYS A 30 -1.70 22.34 -8.95
CA LYS A 30 -2.44 22.59 -10.19
C LYS A 30 -2.21 24.02 -10.72
N GLY A 31 -2.26 25.02 -9.83
CA GLY A 31 -2.14 26.40 -10.18
C GLY A 31 -0.73 26.90 -10.33
N LEU A 32 0.24 26.02 -10.10
CA LEU A 32 1.64 26.43 -10.07
C LEU A 32 1.80 27.62 -9.11
N GLN A 33 1.13 27.53 -7.94
CA GLN A 33 1.10 28.61 -6.97
C GLN A 33 1.80 28.19 -5.69
N ALA A 34 2.20 29.18 -4.92
CA ALA A 34 2.81 28.92 -3.62
C ALA A 34 1.75 28.46 -2.62
N LEU A 35 2.19 27.76 -1.59
CA LEU A 35 1.32 27.25 -0.53
C LEU A 35 1.93 27.67 0.79
N SER A 36 1.11 28.18 1.72
CA SER A 36 1.59 28.45 3.09
C SER A 36 0.81 27.61 4.07
N PHE A 37 1.43 27.37 5.23
CA PHE A 37 0.81 26.53 6.25
C PHE A 37 1.54 26.82 7.55
N ARG A 38 0.83 26.60 8.66
CA ARG A 38 1.50 26.54 9.95
C ARG A 38 1.97 25.11 10.16
N TYR A 39 3.20 24.98 10.65
CA TYR A 39 3.80 23.65 10.85
C TYR A 39 4.11 23.43 12.33
N GLU A 40 3.42 22.46 12.94
CA GLU A 40 3.65 22.15 14.37
C GLU A 40 4.80 21.14 14.51
N GLY A 41 6.01 21.60 14.21
CA GLY A 41 7.10 20.66 14.19
C GLY A 41 8.36 21.30 13.63
N GLY A 42 9.40 20.45 13.49
CA GLY A 42 10.69 20.95 13.05
C GLY A 42 11.31 21.92 14.06
N SER A 43 12.23 22.73 13.54
CA SER A 43 12.93 23.73 14.34
C SER A 43 11.95 24.64 15.09
N THR A 44 11.00 25.23 14.36
CA THR A 44 10.25 26.41 14.81
C THR A 44 8.75 26.15 14.79
N PRO A 45 8.23 25.36 15.73
CA PRO A 45 6.81 24.98 15.64
C PRO A 45 5.86 26.18 15.76
N GLY A 46 4.76 26.12 15.00
CA GLY A 46 3.75 27.17 14.97
C GLY A 46 3.99 28.25 13.94
N ARG A 47 5.20 28.35 13.40
CA ARG A 47 5.54 29.33 12.38
C ARG A 47 4.80 29.05 11.04
N THR A 48 4.43 30.13 10.34
CA THR A 48 3.90 30.03 8.98
C THR A 48 5.04 29.83 7.98
N ARG A 49 4.95 28.76 7.16
CA ARG A 49 5.94 28.43 6.13
C ARG A 49 5.31 28.68 4.76
N GLU A 50 6.11 29.19 3.81
CA GLU A 50 5.65 29.38 2.42
C GLU A 50 6.52 28.49 1.53
N VAL A 51 5.89 27.62 0.74
CA VAL A 51 6.63 26.60 0.02
C VAL A 51 6.17 26.55 -1.44
N THR A 52 7.03 25.92 -2.27
CA THR A 52 6.65 25.45 -3.59
C THR A 52 6.26 23.99 -3.43
N PRO A 53 4.97 23.66 -3.48
CA PRO A 53 4.55 22.29 -3.27
C PRO A 53 4.89 21.43 -4.48
N LEU A 54 5.37 20.22 -4.20
CA LEU A 54 5.84 19.35 -5.28
C LEU A 54 5.04 18.05 -5.39
N GLY A 55 4.53 17.49 -4.28
CA GLY A 55 3.72 16.30 -4.34
C GLY A 55 3.51 15.76 -2.93
N VAL A 56 2.87 14.60 -2.83
CA VAL A 56 2.55 14.01 -1.55
C VAL A 56 3.08 12.59 -1.54
N LEU A 57 3.70 12.19 -0.43
CA LEU A 57 4.10 10.81 -0.20
C LEU A 57 3.07 10.17 0.72
N PHE A 58 2.49 9.06 0.27
CA PHE A 58 1.51 8.35 1.07
C PHE A 58 2.15 7.10 1.66
N GLY A 59 1.80 6.81 2.92
CA GLY A 59 2.32 5.62 3.56
C GLY A 59 1.70 5.49 4.94
N ARG A 60 2.41 4.79 5.83
CA ARG A 60 1.95 4.70 7.21
C ARG A 60 1.80 6.07 7.84
N SER A 61 2.59 7.05 7.37
CA SER A 61 2.33 8.46 7.60
C SER A 61 2.34 9.13 6.24
N ASN A 62 1.68 10.29 6.14
CA ASN A 62 1.61 11.04 4.89
C ASN A 62 2.39 12.33 4.99
N TYR A 63 3.00 12.72 3.87
CA TYR A 63 3.88 13.87 3.87
C TYR A 63 3.61 14.76 2.67
N LEU A 64 3.77 16.07 2.89
CA LEU A 64 3.94 16.97 1.76
C LEU A 64 5.40 16.99 1.38
N VAL A 65 5.69 16.95 0.08
CA VAL A 65 7.03 17.20 -0.45
C VAL A 65 7.03 18.60 -1.05
N ALA A 66 7.95 19.47 -0.61
CA ALA A 66 7.94 20.87 -1.01
C ALA A 66 9.29 21.55 -0.74
N LEU A 67 9.58 22.60 -1.53
CA LEU A 67 10.74 23.47 -1.29
C LEU A 67 10.31 24.68 -0.48
N GLU A 68 11.08 25.02 0.56
CA GLU A 68 10.92 26.29 1.24
C GLU A 68 11.96 27.24 0.68
N GLY A 69 11.49 28.37 0.15
CA GLY A 69 12.36 29.44 -0.31
C GLY A 69 12.91 29.19 -1.70
N LYS A 70 13.49 30.24 -2.28
CA LYS A 70 14.12 30.10 -3.58
C LYS A 70 15.48 29.44 -3.44
N GLY A 71 15.74 28.44 -4.29
CA GLY A 71 16.93 27.62 -4.19
C GLY A 71 16.92 26.63 -3.06
N GLY A 72 15.86 26.59 -2.27
CA GLY A 72 15.78 25.63 -1.19
C GLY A 72 15.72 24.21 -1.73
N LYS A 73 16.19 23.26 -0.93
CA LYS A 73 16.14 21.86 -1.28
C LYS A 73 14.78 21.29 -0.93
N PRO A 74 14.36 20.22 -1.62
CA PRO A 74 13.08 19.61 -1.27
C PRO A 74 13.15 18.93 0.08
N ARG A 75 12.06 19.02 0.83
CA ARG A 75 11.96 18.41 2.15
C ARG A 75 10.62 17.70 2.29
N SER A 76 10.49 16.81 3.28
CA SER A 76 9.19 16.25 3.61
C SER A 76 8.66 16.84 4.91
N TRP A 77 7.35 17.09 4.91
CA TRP A 77 6.62 17.66 6.01
C TRP A 77 5.43 16.77 6.30
N ARG A 78 5.23 16.43 7.58
CA ARG A 78 4.09 15.61 7.98
C ARG A 78 2.76 16.33 7.74
N LEU A 79 1.84 15.69 7.02
CA LEU A 79 0.52 16.33 6.82
C LEU A 79 -0.14 16.56 8.17
N ASP A 80 0.00 15.59 9.07
CA ASP A 80 -0.79 15.76 10.27
C ASP A 80 -0.17 16.75 11.23
N ARG A 81 0.96 17.37 10.88
CA ARG A 81 1.48 18.52 11.60
C ARG A 81 1.17 19.85 10.92
N MET A 82 0.43 19.86 9.82
CA MET A 82 0.20 21.10 9.07
C MET A 82 -1.20 21.62 9.36
N SER A 83 -1.33 22.94 9.43
CA SER A 83 -2.62 23.56 9.69
C SER A 83 -2.67 24.87 8.93
N ASP A 84 -3.87 25.44 8.80
CA ASP A 84 -4.04 26.80 8.26
C ASP A 84 -3.47 26.92 6.85
N LEU A 85 -3.78 25.93 6.00
CA LEU A 85 -3.23 25.96 4.66
C LEU A 85 -3.84 27.10 3.87
N LYS A 86 -3.00 27.79 3.11
CA LYS A 86 -3.49 28.87 2.24
C LYS A 86 -2.85 28.71 0.86
N VAL A 87 -3.67 28.71 -0.18
CA VAL A 87 -3.17 28.70 -1.55
C VAL A 87 -2.93 30.15 -1.95
N LEU A 88 -1.67 30.52 -2.24
CA LEU A 88 -1.30 31.91 -2.28
C LEU A 88 -1.42 32.43 -3.71
N ASP A 89 -1.71 33.72 -3.82
CA ASP A 89 -1.73 34.46 -5.10
C ASP A 89 -0.32 34.79 -5.55
N LYS A 90 0.51 33.79 -5.67
CA LYS A 90 1.92 34.04 -5.87
C LYS A 90 2.38 32.86 -6.71
N PRO A 91 3.10 33.07 -7.80
CA PRO A 91 3.56 31.95 -8.60
C PRO A 91 4.63 31.17 -7.85
N ALA A 92 4.68 29.89 -8.14
CA ALA A 92 5.71 29.01 -7.60
C ALA A 92 5.88 27.84 -8.56
N PRO A 93 6.56 28.05 -9.68
CA PRO A 93 6.73 26.94 -10.62
C PRO A 93 7.72 25.92 -10.06
N PRO A 94 7.49 24.64 -10.29
CA PRO A 94 8.41 23.63 -9.72
C PRO A 94 9.68 23.52 -10.53
N PRO A 95 10.75 22.93 -9.99
CA PRO A 95 11.93 22.65 -10.83
C PRO A 95 11.60 21.65 -11.94
N GLN A 96 12.15 21.91 -13.13
CA GLN A 96 11.94 21.01 -14.28
C GLN A 96 12.56 19.63 -14.01
N ASP A 97 13.65 19.60 -13.26
CA ASP A 97 14.44 18.40 -13.01
C ASP A 97 13.76 17.43 -12.07
N PHE A 98 12.69 17.81 -11.39
CA PHE A 98 12.34 17.12 -10.16
C PHE A 98 11.57 15.83 -10.42
N SER A 99 11.98 14.77 -9.72
CA SER A 99 11.31 13.48 -9.77
C SER A 99 10.85 13.12 -8.37
N LEU A 100 9.53 12.96 -8.19
CA LEU A 100 8.99 12.63 -6.88
C LEU A 100 9.46 11.26 -6.43
N GLN A 101 9.49 10.26 -7.33
CA GLN A 101 9.97 8.93 -6.93
C GLN A 101 11.44 8.97 -6.54
N ALA A 102 12.26 9.66 -7.35
CA ALA A 102 13.67 9.86 -7.02
C ALA A 102 13.81 10.48 -5.65
N PHE A 103 12.96 11.47 -5.34
CA PHE A 103 12.95 12.03 -4.00
C PHE A 103 12.62 10.97 -2.97
N ALA A 104 11.54 10.18 -3.21
CA ALA A 104 11.11 9.20 -2.24
C ALA A 104 12.21 8.19 -1.95
N ASP A 105 12.99 7.85 -2.95
CA ASP A 105 14.06 6.90 -2.71
C ASP A 105 15.25 7.60 -2.08
N GLU A 106 15.85 8.57 -2.80
CA GLU A 106 17.19 9.07 -2.48
C GLU A 106 17.22 10.03 -1.29
N SER A 107 16.21 10.92 -1.17
CA SER A 107 16.22 11.97 -0.16
C SER A 107 15.07 11.81 0.83
N PHE A 108 14.55 10.59 1.00
CA PHE A 108 13.46 10.39 1.95
C PHE A 108 13.62 9.07 2.69
N GLY A 109 13.39 9.12 3.99
CA GLY A 109 13.35 7.92 4.80
C GLY A 109 14.57 7.79 5.69
N ILE A 110 14.38 7.97 6.99
CA ILE A 110 15.45 7.84 7.97
C ILE A 110 15.43 6.43 8.53
N TYR A 111 16.61 5.82 8.63
CA TYR A 111 16.72 4.56 9.37
C TYR A 111 17.20 4.87 10.78
N HIS A 112 16.49 4.33 11.75
CA HIS A 112 16.93 4.47 13.13
C HIS A 112 17.56 3.17 13.62
N ASP A 113 17.72 2.16 12.77
CA ASP A 113 18.48 0.96 13.09
C ASP A 113 19.63 0.87 12.10
N GLU A 114 20.50 -0.09 12.34
CA GLU A 114 21.73 -0.21 11.55
C GLU A 114 21.39 -0.73 10.15
N ILE A 115 22.08 -0.16 9.14
CA ILE A 115 21.88 -0.56 7.76
C ILE A 115 22.55 -1.90 7.51
N GLN A 116 21.87 -2.77 6.75
CA GLN A 116 22.31 -4.16 6.57
C GLN A 116 22.34 -4.52 5.10
N ASP A 117 23.20 -5.47 4.76
CA ASP A 117 23.16 -6.10 3.44
C ASP A 117 22.21 -7.28 3.54
N VAL A 118 21.04 -7.13 2.93
CA VAL A 118 19.94 -8.10 3.02
C VAL A 118 20.07 -9.09 1.88
N VAL A 119 19.93 -10.37 2.21
CA VAL A 119 19.97 -11.45 1.23
C VAL A 119 18.74 -12.34 1.48
N LEU A 120 17.87 -12.41 0.48
CA LEU A 120 16.65 -13.20 0.55
C LEU A 120 16.68 -14.21 -0.60
N ARG A 121 16.25 -15.43 -0.31
CA ARG A 121 16.02 -16.42 -1.36
C ARG A 121 14.52 -16.69 -1.45
N ILE A 122 13.92 -16.44 -2.61
CA ILE A 122 12.49 -16.66 -2.78
C ILE A 122 12.29 -17.99 -3.50
N HIS A 123 11.42 -18.84 -2.95
CA HIS A 123 11.19 -20.18 -3.48
C HIS A 123 10.59 -20.09 -4.88
N LYS A 124 10.91 -21.09 -5.73
CA LYS A 124 10.50 -21.02 -7.14
C LYS A 124 8.99 -20.89 -7.31
N SER A 125 8.20 -21.36 -6.34
CA SER A 125 6.75 -21.20 -6.44
C SER A 125 6.32 -19.74 -6.39
N ARG A 126 7.17 -18.84 -5.91
CA ARG A 126 6.83 -17.44 -5.94
C ARG A 126 7.82 -16.64 -6.78
N ALA A 127 8.57 -17.32 -7.64
CA ALA A 127 9.60 -16.62 -8.40
C ALA A 127 9.00 -15.57 -9.31
N GLU A 128 7.78 -15.81 -9.81
CA GLU A 128 7.06 -14.83 -10.63
C GLU A 128 6.95 -13.52 -9.89
N ASP A 129 6.41 -13.58 -8.69
CA ASP A 129 6.24 -12.36 -7.92
C ASP A 129 7.58 -11.75 -7.57
N ALA A 130 8.60 -12.58 -7.28
CA ALA A 130 9.91 -12.05 -6.94
C ALA A 130 10.51 -11.25 -8.10
N LEU A 131 10.35 -11.73 -9.32
CA LEU A 131 10.97 -11.07 -10.45
C LEU A 131 10.25 -9.80 -10.88
N ARG A 132 9.10 -9.49 -10.30
CA ARG A 132 8.41 -8.23 -10.61
C ARG A 132 8.32 -7.33 -9.38
N TRP A 133 9.00 -7.70 -8.30
CA TRP A 133 8.85 -7.04 -7.02
C TRP A 133 9.97 -6.03 -6.77
N ARG A 134 9.60 -4.83 -6.30
CA ARG A 134 10.57 -3.76 -5.99
C ARG A 134 10.73 -3.69 -4.46
N PHE A 135 11.64 -4.47 -3.94
CA PHE A 135 11.92 -4.39 -2.51
C PHE A 135 12.54 -3.05 -2.16
N HIS A 136 13.34 -2.51 -3.07
CA HIS A 136 14.19 -1.38 -2.80
C HIS A 136 14.50 -0.72 -4.14
N ALA A 137 14.68 0.60 -4.14
CA ALA A 137 15.01 1.30 -5.37
C ALA A 137 16.29 0.78 -5.99
N THR A 138 17.20 0.19 -5.18
CA THR A 138 18.46 -0.39 -5.66
C THR A 138 18.55 -1.81 -5.14
N GLN A 139 18.28 -2.79 -6.00
CA GLN A 139 18.31 -4.19 -5.61
C GLN A 139 18.89 -4.99 -6.77
N GLN A 140 19.39 -6.19 -6.47
CA GLN A 140 19.80 -7.13 -7.48
C GLN A 140 18.99 -8.40 -7.32
N VAL A 141 18.53 -8.95 -8.45
CA VAL A 141 17.64 -10.11 -8.48
C VAL A 141 18.30 -11.14 -9.38
N THR A 142 18.63 -12.30 -8.82
CA THR A 142 19.41 -13.30 -9.54
C THR A 142 18.66 -14.61 -9.60
N PRO A 143 18.16 -15.05 -10.74
CA PRO A 143 17.56 -16.39 -10.80
C PRO A 143 18.64 -17.43 -10.55
N GLU A 144 18.23 -18.52 -9.93
CA GLU A 144 19.18 -19.57 -9.57
C GLU A 144 18.79 -20.85 -10.28
N ALA A 145 19.73 -21.80 -10.27
CA ALA A 145 19.57 -23.01 -11.07
C ALA A 145 18.26 -23.72 -10.76
N ASP A 146 17.93 -23.84 -9.46
CA ASP A 146 16.79 -24.64 -9.04
C ASP A 146 15.47 -23.90 -9.17
N GLY A 147 15.46 -22.75 -9.83
CA GLY A 147 14.24 -21.99 -9.99
C GLY A 147 14.00 -20.95 -8.91
N SER A 148 14.78 -20.96 -7.83
CA SER A 148 14.57 -19.95 -6.81
C SER A 148 15.20 -18.63 -7.28
N VAL A 149 15.01 -17.57 -6.49
CA VAL A 149 15.45 -16.23 -6.90
C VAL A 149 16.16 -15.61 -5.71
N LEU A 150 17.37 -15.10 -5.93
CA LEU A 150 18.14 -14.40 -4.89
C LEU A 150 17.90 -12.89 -5.01
N VAL A 151 17.47 -12.25 -3.93
CA VAL A 151 17.23 -10.81 -3.94
C VAL A 151 18.18 -10.20 -2.93
N THR A 152 18.97 -9.20 -3.36
CA THR A 152 19.89 -8.52 -2.45
C THR A 152 19.70 -7.01 -2.56
N PHE A 153 19.79 -6.33 -1.42
CA PHE A 153 19.72 -4.88 -1.36
C PHE A 153 20.30 -4.47 -0.01
N ARG A 154 20.63 -3.19 0.12
CA ARG A 154 21.25 -2.63 1.33
C ARG A 154 20.26 -1.62 1.90
N ALA A 155 19.87 -1.82 3.17
CA ALA A 155 18.85 -0.97 3.75
C ALA A 155 18.82 -1.20 5.25
N GLY A 156 18.27 -0.23 5.97
CA GLY A 156 17.85 -0.44 7.35
C GLY A 156 16.40 -0.89 7.40
N GLY A 157 15.77 -0.65 8.54
CA GLY A 157 14.35 -0.92 8.74
C GLY A 157 14.03 -2.40 8.84
N MET A 158 14.81 -3.13 9.63
CA MET A 158 14.65 -4.58 9.70
C MET A 158 13.29 -4.97 10.24
N ARG A 159 12.74 -4.22 11.22
CA ARG A 159 11.42 -4.60 11.73
C ARG A 159 10.34 -4.43 10.66
N GLU A 160 10.33 -3.26 9.98
CA GLU A 160 9.33 -3.09 8.92
C GLU A 160 9.51 -4.10 7.80
N LEU A 161 10.76 -4.43 7.49
CA LEU A 161 11.04 -5.46 6.48
C LEU A 161 10.50 -6.80 6.91
N SER A 162 10.71 -7.17 8.17
CA SER A 162 10.15 -8.43 8.64
C SER A 162 8.60 -8.44 8.52
N TRP A 163 7.94 -7.31 8.75
CA TRP A 163 6.50 -7.27 8.55
C TRP A 163 6.13 -7.54 7.10
N HIS A 164 6.86 -6.96 6.14
CA HIS A 164 6.61 -7.28 4.74
C HIS A 164 6.89 -8.74 4.43
N LEU A 165 8.01 -9.29 4.93
CA LEU A 165 8.37 -10.66 4.63
C LEU A 165 7.30 -11.64 5.11
N PHE A 166 6.55 -11.27 6.17
CA PHE A 166 5.45 -12.11 6.63
C PHE A 166 4.45 -12.42 5.51
N THR A 167 4.23 -11.47 4.58
CA THR A 167 3.28 -11.65 3.48
C THR A 167 3.79 -12.61 2.41
N TRP A 168 5.03 -13.06 2.49
CA TRP A 168 5.52 -14.10 1.59
C TRP A 168 5.40 -15.47 2.21
N GLY A 169 4.99 -15.56 3.48
CA GLY A 169 4.70 -16.87 4.03
C GLY A 169 5.92 -17.74 4.08
N ASP A 170 5.75 -19.03 3.71
CA ASP A 170 6.89 -19.94 3.74
C ASP A 170 7.72 -19.88 2.48
N ALA A 171 7.49 -18.90 1.60
CA ALA A 171 8.22 -18.88 0.35
C ALA A 171 9.46 -17.99 0.35
N VAL A 172 9.88 -17.44 1.49
CA VAL A 172 11.05 -16.59 1.54
C VAL A 172 11.97 -17.14 2.62
N GLU A 173 13.25 -17.30 2.28
CA GLU A 173 14.28 -17.66 3.25
C GLU A 173 15.11 -16.42 3.51
N ILE A 174 15.31 -16.08 4.78
CA ILE A 174 16.20 -14.97 5.11
C ILE A 174 17.60 -15.55 5.17
N VAL A 175 18.43 -15.21 4.17
CA VAL A 175 19.81 -15.72 4.13
C VAL A 175 20.73 -14.88 5.02
N ALA A 176 20.58 -13.55 4.97
CA ALA A 176 21.41 -12.66 5.75
C ALA A 176 20.68 -11.33 5.85
N PRO A 177 20.97 -10.52 6.87
CA PRO A 177 21.89 -10.74 8.01
C PRO A 177 21.25 -11.52 9.16
N GLN A 178 22.07 -11.90 10.12
CA GLN A 178 21.56 -12.63 11.28
C GLN A 178 20.54 -11.78 12.04
N VAL A 179 20.75 -10.46 12.10
CA VAL A 179 19.84 -9.61 12.87
C VAL A 179 18.46 -9.64 12.24
N LEU A 180 18.36 -9.75 10.90
CA LEU A 180 17.05 -9.88 10.30
C LEU A 180 16.39 -11.23 10.65
N LYS A 181 17.18 -12.31 10.71
CA LYS A 181 16.63 -13.59 11.15
C LYS A 181 16.07 -13.47 12.56
N ASP A 182 16.85 -12.82 13.45
CA ASP A 182 16.44 -12.60 14.84
C ASP A 182 15.21 -11.69 14.94
N MET A 183 15.18 -10.62 14.16
CA MET A 183 13.99 -9.76 14.11
C MET A 183 12.75 -10.53 13.68
N MET A 184 12.87 -11.33 12.62
CA MET A 184 11.72 -12.07 12.12
C MET A 184 11.23 -13.02 13.22
N VAL A 185 12.14 -13.65 13.95
CA VAL A 185 11.71 -14.54 15.04
C VAL A 185 11.04 -13.74 16.16
N GLN A 186 11.61 -12.59 16.51
CA GLN A 186 11.02 -11.74 17.56
C GLN A 186 9.60 -11.33 17.19
N GLU A 187 9.41 -10.84 15.96
CA GLU A 187 8.08 -10.38 15.59
C GLU A 187 7.09 -11.54 15.52
N LEU A 188 7.53 -12.70 15.02
CA LEU A 188 6.67 -13.86 14.96
C LEU A 188 6.30 -14.35 16.36
N ARG A 189 7.27 -14.36 17.27
CA ARG A 189 6.99 -14.84 18.64
C ARG A 189 6.06 -13.87 19.37
N GLU A 190 6.19 -12.57 19.11
CA GLU A 190 5.30 -11.59 19.74
C GLU A 190 3.86 -11.82 19.30
N ALA A 191 3.64 -11.90 17.98
CA ALA A 191 2.28 -12.10 17.50
C ALA A 191 1.79 -13.51 17.80
N GLY A 192 2.70 -14.50 17.70
CA GLY A 192 2.26 -15.89 17.92
C GLY A 192 1.78 -16.08 19.35
N ARG A 193 2.46 -15.45 20.31
CA ARG A 193 1.97 -15.52 21.69
C ARG A 193 0.64 -14.80 21.83
N ALA A 194 0.52 -13.62 21.24
CA ALA A 194 -0.70 -12.83 21.35
C ALA A 194 -1.92 -13.55 20.80
N HIS A 195 -1.76 -14.28 19.71
CA HIS A 195 -2.88 -14.87 19.00
C HIS A 195 -3.01 -16.38 19.23
N GLY A 196 -2.18 -16.93 20.10
CA GLY A 196 -2.36 -18.35 20.43
C GLY A 196 -1.85 -19.30 19.38
N ALA A 197 -0.85 -18.89 18.61
CA ALA A 197 -0.34 -19.75 17.55
C ALA A 197 0.64 -20.80 18.08
N TRP A 198 1.34 -20.51 19.16
CA TRP A 198 2.30 -21.43 19.75
C TRP A 198 2.34 -21.10 21.23
N ILE B 7 2.39 13.04 -9.08
CA ILE B 7 2.09 13.94 -7.96
C ILE B 7 1.98 13.21 -6.58
N ALA B 8 1.70 11.90 -6.60
CA ALA B 8 1.66 11.08 -5.40
C ALA B 8 2.56 9.88 -5.61
N VAL B 9 3.32 9.53 -4.58
CA VAL B 9 4.12 8.31 -4.53
C VAL B 9 3.79 7.61 -3.22
N HIS B 10 3.58 6.29 -3.29
CA HIS B 10 3.34 5.43 -2.11
C HIS B 10 4.63 4.72 -1.71
N ALA B 11 4.93 4.72 -0.42
CA ALA B 11 6.17 4.17 0.09
C ALA B 11 6.07 2.67 0.25
N GLY B 12 7.23 2.04 0.39
CA GLY B 12 7.29 0.64 0.73
C GLY B 12 7.40 -0.28 -0.48
N PRO B 13 7.73 -1.54 -0.22
CA PRO B 13 7.85 -2.49 -1.33
C PRO B 13 6.55 -2.52 -2.10
N ARG B 14 6.68 -2.71 -3.40
CA ARG B 14 5.56 -2.70 -4.32
C ARG B 14 6.01 -3.35 -5.59
N PRO B 15 5.10 -3.76 -6.45
CA PRO B 15 5.52 -4.21 -7.75
C PRO B 15 5.98 -3.01 -8.57
N TYR B 16 6.82 -3.30 -9.54
CA TYR B 16 7.11 -2.31 -10.56
C TYR B 16 5.81 -1.95 -11.29
N GLU B 17 5.74 -0.75 -11.85
CA GLU B 17 4.53 -0.27 -12.52
C GLU B 17 4.78 -0.06 -14.01
N ASP B 18 3.84 -0.52 -14.85
CA ASP B 18 3.90 -0.27 -16.30
C ASP B 18 2.97 0.89 -16.59
N GLN B 19 3.54 2.06 -16.86
CA GLN B 19 2.71 3.22 -17.15
C GLN B 19 2.07 3.10 -18.54
N ALA B 20 2.68 2.33 -19.44
CA ALA B 20 2.06 2.11 -20.76
C ALA B 20 0.74 1.38 -20.62
N VAL B 21 0.70 0.35 -19.78
CA VAL B 21 -0.53 -0.37 -19.51
C VAL B 21 -1.51 0.53 -18.79
N LEU B 22 -1.07 1.18 -17.71
CA LEU B 22 -1.95 2.07 -16.94
C LEU B 22 -2.52 3.16 -17.82
N GLY B 23 -1.70 3.66 -18.75
CA GLY B 23 -2.16 4.75 -19.59
C GLY B 23 -3.21 4.30 -20.58
N ALA B 24 -3.00 3.11 -21.16
CA ALA B 24 -4.00 2.53 -22.05
C ALA B 24 -5.33 2.36 -21.33
N ILE B 25 -5.29 1.81 -20.11
CA ILE B 25 -6.52 1.60 -19.35
C ILE B 25 -7.23 2.91 -19.09
N ARG B 26 -6.50 3.91 -18.57
CA ARG B 26 -7.10 5.22 -18.31
C ARG B 26 -7.69 5.85 -19.59
N ALA B 27 -7.03 5.67 -20.73
CA ALA B 27 -7.57 6.22 -21.97
C ALA B 27 -8.86 5.52 -22.38
N ALA B 28 -8.91 4.20 -22.19
CA ALA B 28 -10.13 3.48 -22.52
C ALA B 28 -11.26 3.93 -21.59
N ILE B 29 -10.97 4.06 -20.30
CA ILE B 29 -12.01 4.47 -19.37
C ILE B 29 -12.51 5.88 -19.72
N LYS B 30 -11.59 6.78 -20.02
CA LYS B 30 -11.98 8.16 -20.31
C LYS B 30 -12.81 8.23 -21.57
N GLY B 31 -12.49 7.40 -22.56
CA GLY B 31 -13.20 7.41 -23.80
C GLY B 31 -14.43 6.54 -23.86
N LEU B 32 -14.81 5.90 -22.74
CA LEU B 32 -15.90 4.93 -22.68
C LEU B 32 -15.71 3.87 -23.77
N GLN B 33 -14.50 3.34 -23.87
CA GLN B 33 -14.15 2.43 -24.93
C GLN B 33 -13.87 1.05 -24.35
N ALA B 34 -14.06 0.05 -25.21
CA ALA B 34 -13.72 -1.31 -24.81
C ALA B 34 -12.21 -1.50 -24.83
N LEU B 35 -11.76 -2.42 -24.00
CA LEU B 35 -10.37 -2.82 -23.91
C LEU B 35 -10.27 -4.31 -24.19
N SER B 36 -9.24 -4.70 -24.95
CA SER B 36 -8.94 -6.10 -25.23
C SER B 36 -7.52 -6.43 -24.78
N PHE B 37 -7.32 -7.66 -24.31
CA PHE B 37 -6.01 -8.15 -23.89
C PHE B 37 -6.01 -9.69 -23.85
N ARG B 38 -4.84 -10.27 -24.04
CA ARG B 38 -4.66 -11.66 -23.70
C ARG B 38 -4.44 -11.76 -22.19
N TYR B 39 -5.11 -12.71 -21.56
CA TYR B 39 -5.06 -12.83 -20.11
C TYR B 39 -4.50 -14.20 -19.75
N GLU B 40 -3.38 -14.19 -19.02
CA GLU B 40 -2.67 -15.38 -18.53
C GLU B 40 -3.07 -15.60 -17.07
N GLY B 41 -4.29 -16.06 -16.85
CA GLY B 41 -4.81 -16.30 -15.51
C GLY B 41 -6.23 -16.81 -15.66
N GLY B 42 -6.80 -17.23 -14.53
CA GLY B 42 -8.17 -17.75 -14.54
C GLY B 42 -8.31 -19.03 -15.35
N SER B 43 -9.53 -19.29 -15.85
CA SER B 43 -9.83 -20.58 -16.47
C SER B 43 -9.15 -20.75 -17.83
N THR B 44 -9.11 -19.72 -18.69
CA THR B 44 -8.58 -19.85 -20.04
C THR B 44 -7.37 -18.96 -20.28
N PRO B 45 -6.22 -19.31 -19.69
CA PRO B 45 -5.00 -18.51 -19.92
C PRO B 45 -4.70 -18.30 -21.40
N GLY B 46 -4.01 -17.20 -21.70
CA GLY B 46 -3.61 -16.85 -23.06
C GLY B 46 -4.68 -16.20 -23.92
N ARG B 47 -5.92 -16.58 -23.65
CA ARG B 47 -7.07 -16.20 -24.47
C ARG B 47 -7.32 -14.68 -24.47
N THR B 48 -7.75 -14.16 -25.62
CA THR B 48 -8.04 -12.73 -25.73
C THR B 48 -9.41 -12.44 -25.11
N ARG B 49 -9.46 -11.40 -24.30
CA ARG B 49 -10.67 -11.01 -23.57
C ARG B 49 -11.03 -9.58 -23.96
N GLU B 50 -12.32 -9.32 -24.15
CA GLU B 50 -12.79 -7.97 -24.45
C GLU B 50 -13.66 -7.55 -23.28
N VAL B 51 -13.29 -6.44 -22.65
CA VAL B 51 -13.92 -6.06 -21.39
C VAL B 51 -14.36 -4.60 -21.44
N THR B 52 -15.27 -4.30 -20.52
CA THR B 52 -15.62 -2.94 -20.21
C THR B 52 -14.73 -2.51 -19.04
N PRO B 53 -13.73 -1.65 -19.26
CA PRO B 53 -12.84 -1.27 -18.14
C PRO B 53 -13.55 -0.32 -17.20
N LEU B 54 -13.29 -0.49 -15.90
CA LEU B 54 -13.96 0.28 -14.87
C LEU B 54 -13.04 1.07 -13.98
N GLY B 55 -11.80 0.65 -13.81
CA GLY B 55 -10.86 1.40 -12.98
C GLY B 55 -9.66 0.55 -12.68
N VAL B 56 -8.77 1.08 -11.81
CA VAL B 56 -7.54 0.38 -11.47
C VAL B 56 -7.52 0.32 -9.96
N LEU B 57 -7.16 -0.85 -9.45
CA LEU B 57 -7.05 -1.10 -8.00
C LEU B 57 -5.57 -1.28 -7.67
N PHE B 58 -5.00 -0.39 -6.85
CA PHE B 58 -3.57 -0.48 -6.50
C PHE B 58 -3.40 -1.21 -5.16
N GLY B 59 -2.47 -2.15 -5.12
CA GLY B 59 -2.18 -2.96 -3.94
C GLY B 59 -1.81 -4.37 -4.38
N ARG B 60 -1.05 -5.10 -3.58
CA ARG B 60 -0.61 -6.45 -3.97
C ARG B 60 0.08 -6.37 -5.35
N SER B 61 -0.33 -7.12 -6.35
CA SER B 61 0.21 -6.86 -7.73
C SER B 61 -0.81 -5.94 -8.41
N ASN B 62 -0.53 -5.04 -9.35
CA ASN B 62 -1.63 -4.11 -9.77
C ASN B 62 -2.83 -4.80 -10.47
N TYR B 63 -4.05 -4.23 -10.35
CA TYR B 63 -5.23 -4.88 -10.98
C TYR B 63 -6.13 -3.92 -11.76
N LEU B 64 -6.62 -4.42 -12.88
CA LEU B 64 -7.63 -3.70 -13.66
C LEU B 64 -8.97 -4.22 -13.14
N VAL B 65 -9.93 -3.34 -12.89
CA VAL B 65 -11.28 -3.75 -12.52
C VAL B 65 -12.12 -3.59 -13.76
N ALA B 66 -12.71 -4.69 -14.20
CA ALA B 66 -13.42 -4.66 -15.49
C ALA B 66 -14.46 -5.77 -15.53
N LEU B 67 -15.50 -5.57 -16.33
CA LEU B 67 -16.50 -6.63 -16.47
C LEU B 67 -16.49 -7.17 -17.88
N GLU B 68 -17.03 -8.39 -18.03
CA GLU B 68 -17.00 -9.07 -19.31
C GLU B 68 -18.38 -9.70 -19.54
N GLY B 69 -18.98 -9.45 -20.70
CA GLY B 69 -20.25 -10.05 -21.09
C GLY B 69 -21.45 -9.29 -20.53
N LYS B 70 -22.63 -9.64 -21.08
CA LYS B 70 -23.90 -9.02 -20.72
C LYS B 70 -24.19 -9.36 -19.27
N GLY B 71 -24.37 -8.33 -18.47
CA GLY B 71 -24.65 -8.42 -17.04
C GLY B 71 -23.49 -8.90 -16.21
N GLY B 72 -22.30 -8.89 -16.80
CA GLY B 72 -21.11 -9.31 -16.04
C GLY B 72 -20.89 -8.43 -14.82
N LYS B 73 -20.56 -9.06 -13.70
CA LYS B 73 -20.24 -8.30 -12.46
C LYS B 73 -18.78 -7.91 -12.60
N PRO B 74 -18.13 -6.69 -12.03
CA PRO B 74 -16.72 -6.28 -12.02
C PRO B 74 -15.84 -7.39 -11.49
N ARG B 75 -14.75 -7.65 -12.19
CA ARG B 75 -13.75 -8.59 -11.70
C ARG B 75 -12.40 -7.90 -11.64
N SER B 76 -11.46 -8.49 -10.89
CA SER B 76 -10.09 -7.99 -10.79
C SER B 76 -9.19 -8.80 -11.69
N TRP B 77 -8.34 -8.10 -12.44
CA TRP B 77 -7.45 -8.69 -13.46
C TRP B 77 -6.04 -8.19 -13.15
N ARG B 78 -5.12 -9.11 -12.92
CA ARG B 78 -3.76 -8.69 -12.62
C ARG B 78 -3.09 -8.12 -13.86
N LEU B 79 -2.49 -6.93 -13.69
CA LEU B 79 -1.87 -6.24 -14.83
C LEU B 79 -0.75 -7.07 -15.45
N ASP B 80 0.05 -7.74 -14.63
CA ASP B 80 1.14 -8.56 -15.15
C ASP B 80 0.66 -9.87 -15.79
N ARG B 81 -0.63 -10.16 -15.79
CA ARG B 81 -1.10 -11.29 -16.56
C ARG B 81 -1.79 -10.83 -17.84
N MET B 82 -1.81 -9.53 -18.07
CA MET B 82 -2.35 -8.91 -19.27
C MET B 82 -1.25 -8.65 -20.30
N SER B 83 -1.55 -8.96 -21.55
CA SER B 83 -0.63 -8.56 -22.61
C SER B 83 -1.46 -8.31 -23.87
N ASP B 84 -0.78 -7.74 -24.86
CA ASP B 84 -1.40 -7.33 -26.11
C ASP B 84 -2.59 -6.41 -25.87
N LEU B 85 -2.33 -5.36 -25.09
CA LEU B 85 -3.37 -4.43 -24.69
C LEU B 85 -3.82 -3.60 -25.88
N LYS B 86 -5.14 -3.51 -26.10
CA LYS B 86 -5.64 -2.72 -27.21
C LYS B 86 -6.82 -1.91 -26.72
N VAL B 87 -6.79 -0.61 -26.97
CA VAL B 87 -7.95 0.23 -26.75
C VAL B 87 -8.76 0.15 -28.03
N LEU B 88 -9.96 -0.41 -27.95
CA LEU B 88 -10.74 -0.65 -29.15
C LEU B 88 -11.47 0.65 -29.54
N ASP B 89 -11.59 0.92 -30.85
CA ASP B 89 -12.39 2.08 -31.23
C ASP B 89 -13.85 1.64 -31.33
N LYS B 90 -14.47 1.55 -30.18
CA LYS B 90 -15.75 0.88 -29.97
C LYS B 90 -16.25 1.24 -28.59
N PRO B 91 -17.50 1.66 -28.43
CA PRO B 91 -17.99 2.02 -27.09
C PRO B 91 -18.20 0.80 -26.19
N ALA B 92 -18.04 1.06 -24.91
CA ALA B 92 -18.29 0.07 -23.84
C ALA B 92 -18.81 0.83 -22.64
N PRO B 93 -20.11 1.12 -22.62
CA PRO B 93 -20.67 1.89 -21.48
C PRO B 93 -20.51 1.13 -20.18
N PRO B 94 -20.04 1.77 -19.11
CA PRO B 94 -20.03 1.12 -17.78
C PRO B 94 -21.42 1.11 -17.17
N PRO B 95 -21.68 0.21 -16.22
CA PRO B 95 -22.96 0.25 -15.48
C PRO B 95 -23.13 1.63 -14.85
N GLN B 96 -24.38 2.11 -14.87
CA GLN B 96 -24.64 3.50 -14.47
C GLN B 96 -24.30 3.76 -13.00
N ASP B 97 -24.49 2.77 -12.15
CA ASP B 97 -24.33 2.97 -10.72
C ASP B 97 -23.07 2.31 -10.15
N PHE B 98 -22.09 1.97 -11.02
CA PHE B 98 -20.85 1.37 -10.51
C PHE B 98 -20.03 2.38 -9.72
N SER B 99 -19.53 1.98 -8.55
CA SER B 99 -18.60 2.82 -7.79
C SER B 99 -17.35 2.01 -7.54
N LEU B 100 -16.21 2.50 -8.04
CA LEU B 100 -14.96 1.78 -7.86
C LEU B 100 -14.57 1.72 -6.38
N GLN B 101 -14.85 2.80 -5.64
CA GLN B 101 -14.53 2.79 -4.20
C GLN B 101 -15.37 1.75 -3.46
N ALA B 102 -16.64 1.63 -3.83
CA ALA B 102 -17.49 0.63 -3.18
C ALA B 102 -16.97 -0.76 -3.47
N PHE B 103 -16.52 -0.99 -4.71
CA PHE B 103 -15.92 -2.29 -5.06
C PHE B 103 -14.69 -2.56 -4.20
N ALA B 104 -13.81 -1.57 -4.09
CA ALA B 104 -12.61 -1.75 -3.27
C ALA B 104 -12.98 -1.99 -1.82
N ASP B 105 -14.03 -1.33 -1.33
CA ASP B 105 -14.40 -1.45 0.08
C ASP B 105 -15.02 -2.81 0.44
N GLU B 106 -15.32 -3.67 -0.55
CA GLU B 106 -15.79 -5.03 -0.25
C GLU B 106 -14.75 -5.86 0.49
N SER B 107 -13.49 -5.45 0.43
CA SER B 107 -12.40 -6.21 1.06
C SER B 107 -11.53 -5.33 1.92
N PHE B 108 -10.88 -5.95 2.90
CA PHE B 108 -9.84 -5.24 3.64
C PHE B 108 -8.63 -4.97 2.74
N GLY B 109 -8.42 -5.81 1.74
CA GLY B 109 -7.33 -5.64 0.78
C GLY B 109 -7.87 -5.83 -0.63
N ILE B 110 -7.26 -6.74 -1.35
CA ILE B 110 -7.71 -7.02 -2.72
C ILE B 110 -8.80 -8.09 -2.75
N TYR B 111 -8.59 -9.18 -2.01
CA TYR B 111 -9.35 -10.38 -2.29
C TYR B 111 -10.82 -10.23 -1.89
N HIS B 112 -11.73 -10.56 -2.81
CA HIS B 112 -13.18 -10.45 -2.60
C HIS B 112 -13.76 -11.82 -2.23
N ASP B 113 -13.79 -12.09 -0.95
CA ASP B 113 -14.41 -13.32 -0.46
C ASP B 113 -15.46 -12.90 0.58
N GLU B 114 -15.98 -13.87 1.33
CA GLU B 114 -17.12 -13.55 2.19
C GLU B 114 -16.83 -12.38 3.13
N ILE B 115 -17.76 -11.44 3.16
CA ILE B 115 -17.63 -10.25 3.97
C ILE B 115 -17.91 -10.60 5.43
N GLN B 116 -16.97 -10.25 6.31
CA GLN B 116 -17.03 -10.57 7.74
C GLN B 116 -17.27 -9.35 8.58
N ASP B 117 -17.84 -9.58 9.76
CA ASP B 117 -17.97 -8.55 10.76
C ASP B 117 -16.78 -8.72 11.71
N VAL B 118 -15.78 -7.85 11.54
CA VAL B 118 -14.53 -7.90 12.29
C VAL B 118 -14.68 -7.11 13.56
N VAL B 119 -14.14 -7.67 14.66
CA VAL B 119 -14.06 -6.94 15.93
C VAL B 119 -12.65 -7.11 16.46
N LEU B 120 -11.95 -5.99 16.72
CA LEU B 120 -10.59 -6.00 17.24
C LEU B 120 -10.59 -5.26 18.56
N ARG B 121 -9.70 -5.66 19.45
CA ARG B 121 -9.40 -4.84 20.64
C ARG B 121 -7.95 -4.40 20.55
N ILE B 122 -7.71 -3.09 20.63
CA ILE B 122 -6.38 -2.51 20.62
C ILE B 122 -6.00 -2.11 22.04
N HIS B 123 -4.84 -2.59 22.49
CA HIS B 123 -4.35 -2.28 23.83
C HIS B 123 -4.19 -0.78 24.04
N LYS B 124 -4.27 -0.34 25.32
CA LYS B 124 -4.24 1.10 25.59
C LYS B 124 -2.97 1.74 25.07
N SER B 125 -1.89 0.97 24.97
CA SER B 125 -0.60 1.55 24.58
C SER B 125 -0.60 1.93 23.10
N ARG B 126 -1.56 1.43 22.31
CA ARG B 126 -1.68 1.84 20.91
C ARG B 126 -3.05 2.42 20.59
N ALA B 127 -3.84 2.77 21.61
CA ALA B 127 -5.22 3.19 21.37
C ALA B 127 -5.25 4.49 20.58
N GLU B 128 -4.38 5.46 20.93
CA GLU B 128 -4.35 6.71 20.20
C GLU B 128 -3.95 6.50 18.73
N ASP B 129 -3.02 5.60 18.47
CA ASP B 129 -2.69 5.27 17.10
C ASP B 129 -3.90 4.68 16.36
N ALA B 130 -4.63 3.80 17.04
CA ALA B 130 -5.79 3.19 16.40
C ALA B 130 -6.82 4.24 16.02
N LEU B 131 -7.02 5.27 16.86
CA LEU B 131 -8.00 6.31 16.53
C LEU B 131 -7.61 7.09 15.28
N ARG B 132 -6.32 7.15 14.97
CA ARG B 132 -5.81 7.85 13.80
C ARG B 132 -5.69 6.97 12.58
N TRP B 133 -5.99 5.68 12.72
CA TRP B 133 -5.74 4.70 11.65
C TRP B 133 -7.05 4.28 11.02
N ARG B 134 -7.16 4.42 9.71
CA ARG B 134 -8.35 3.98 8.99
C ARG B 134 -8.16 2.54 8.54
N PHE B 135 -8.61 1.59 9.38
CA PHE B 135 -8.56 0.20 8.95
C PHE B 135 -9.43 -0.02 7.72
N HIS B 136 -10.60 0.58 7.72
CA HIS B 136 -11.59 0.36 6.67
C HIS B 136 -12.57 1.51 6.67
N ALA B 137 -13.26 1.69 5.52
CA ALA B 137 -14.27 2.74 5.43
C ALA B 137 -15.39 2.57 6.42
N THR B 138 -15.73 1.33 6.80
CA THR B 138 -16.84 1.05 7.71
C THR B 138 -16.46 1.14 9.18
N GLN B 139 -15.23 1.56 9.48
CA GLN B 139 -14.70 1.54 10.86
C GLN B 139 -15.58 2.31 11.85
N GLN B 140 -15.78 1.70 13.03
CA GLN B 140 -16.31 2.40 14.20
C GLN B 140 -15.39 2.05 15.36
N VAL B 141 -15.07 3.05 16.19
CA VAL B 141 -14.21 2.83 17.35
C VAL B 141 -14.99 3.15 18.62
N THR B 142 -14.80 2.32 19.65
CA THR B 142 -15.48 2.48 20.93
C THR B 142 -14.42 2.43 22.02
N PRO B 143 -14.19 3.51 22.75
CA PRO B 143 -13.23 3.43 23.87
C PRO B 143 -13.79 2.60 25.00
N GLU B 144 -12.92 1.84 25.64
CA GLU B 144 -13.27 1.12 26.86
C GLU B 144 -12.70 1.85 28.08
N ALA B 145 -13.34 1.60 29.21
CA ALA B 145 -12.99 2.31 30.45
C ALA B 145 -11.55 2.04 30.87
N ASP B 146 -10.98 0.89 30.50
CA ASP B 146 -9.60 0.57 30.89
C ASP B 146 -8.59 1.10 29.87
N GLY B 147 -9.05 1.88 28.92
CA GLY B 147 -8.18 2.54 27.97
C GLY B 147 -7.97 1.79 26.66
N SER B 148 -8.34 0.49 26.58
CA SER B 148 -8.42 -0.19 25.30
C SER B 148 -9.45 0.45 24.41
N VAL B 149 -9.36 0.13 23.11
CA VAL B 149 -10.38 0.53 22.15
C VAL B 149 -10.85 -0.69 21.36
N LEU B 150 -12.16 -0.81 21.18
CA LEU B 150 -12.73 -1.81 20.29
C LEU B 150 -12.90 -1.17 18.90
N VAL B 151 -12.52 -1.91 17.89
CA VAL B 151 -12.62 -1.45 16.50
C VAL B 151 -13.47 -2.45 15.76
N THR B 152 -14.49 -1.95 15.06
CA THR B 152 -15.32 -2.81 14.21
C THR B 152 -15.30 -2.31 12.78
N PHE B 153 -15.40 -3.25 11.86
CA PHE B 153 -15.62 -2.92 10.46
C PHE B 153 -16.07 -4.19 9.76
N ARG B 154 -16.55 -4.01 8.54
CA ARG B 154 -17.16 -5.09 7.78
C ARG B 154 -16.41 -5.18 6.45
N ALA B 155 -15.79 -6.33 6.21
CA ALA B 155 -14.98 -6.50 5.00
C ALA B 155 -14.64 -7.96 4.79
N GLY B 156 -14.43 -8.36 3.54
CA GLY B 156 -13.76 -9.64 3.26
C GLY B 156 -12.23 -9.50 3.37
N GLY B 157 -11.52 -10.58 2.98
CA GLY B 157 -10.07 -10.48 2.87
C GLY B 157 -9.35 -10.78 4.16
N MET B 158 -9.67 -11.93 4.80
CA MET B 158 -9.10 -12.14 6.11
C MET B 158 -7.61 -12.44 6.07
N ARG B 159 -7.09 -13.00 4.95
CA ARG B 159 -5.65 -13.26 4.87
C ARG B 159 -4.87 -11.96 4.83
N GLU B 160 -5.31 -11.04 3.99
CA GLU B 160 -4.61 -9.76 4.00
C GLU B 160 -4.78 -8.99 5.30
N LEU B 161 -5.95 -9.11 5.92
CA LEU B 161 -6.11 -8.53 7.24
C LEU B 161 -5.12 -9.12 8.23
N SER B 162 -4.97 -10.44 8.24
CA SER B 162 -4.01 -11.05 9.16
C SER B 162 -2.58 -10.54 8.91
N TRP B 163 -2.19 -10.35 7.66
CA TRP B 163 -0.89 -9.74 7.39
C TRP B 163 -0.76 -8.34 8.00
N HIS B 164 -1.81 -7.52 7.89
CA HIS B 164 -1.79 -6.21 8.50
C HIS B 164 -1.79 -6.26 10.01
N LEU B 165 -2.55 -7.17 10.61
CA LEU B 165 -2.56 -7.24 12.08
C LEU B 165 -1.21 -7.64 12.65
N PHE B 166 -0.43 -8.43 11.90
CA PHE B 166 0.94 -8.72 12.31
C PHE B 166 1.72 -7.45 12.69
N THR B 167 1.47 -6.31 12.00
CA THR B 167 2.25 -5.12 12.27
C THR B 167 1.87 -4.44 13.57
N TRP B 168 0.79 -4.88 14.22
CA TRP B 168 0.39 -4.37 15.53
C TRP B 168 0.95 -5.23 16.65
N GLY B 169 1.59 -6.33 16.32
CA GLY B 169 2.27 -7.07 17.39
C GLY B 169 1.30 -7.55 18.45
N ASP B 170 1.77 -7.45 19.71
CA ASP B 170 0.92 -7.92 20.81
C ASP B 170 -0.09 -6.89 21.25
N ALA B 171 -0.27 -5.81 20.47
CA ALA B 171 -1.17 -4.78 20.92
C ALA B 171 -2.58 -4.96 20.37
N VAL B 172 -2.84 -6.02 19.59
CA VAL B 172 -4.16 -6.24 19.00
C VAL B 172 -4.65 -7.62 19.42
N GLU B 173 -5.91 -7.67 19.82
CA GLU B 173 -6.61 -8.92 20.12
C GLU B 173 -7.71 -9.12 19.06
N ILE B 174 -7.73 -10.26 18.43
CA ILE B 174 -8.82 -10.58 17.46
C ILE B 174 -10.01 -11.10 18.29
N VAL B 175 -11.11 -10.35 18.29
CA VAL B 175 -12.33 -10.77 18.99
C VAL B 175 -13.24 -11.58 18.08
N ALA B 176 -13.38 -11.21 16.81
CA ALA B 176 -14.27 -11.85 15.88
C ALA B 176 -13.88 -11.46 14.45
N PRO B 177 -14.20 -12.29 13.45
CA PRO B 177 -14.79 -13.63 13.55
C PRO B 177 -13.79 -14.74 13.82
N GLN B 178 -14.34 -15.94 14.08
CA GLN B 178 -13.49 -17.10 14.29
C GLN B 178 -12.60 -17.36 13.09
N VAL B 179 -13.13 -17.17 11.87
CA VAL B 179 -12.31 -17.46 10.70
C VAL B 179 -11.07 -16.55 10.65
N LEU B 180 -11.14 -15.36 11.24
CA LEU B 180 -9.98 -14.48 11.28
C LEU B 180 -8.95 -14.99 12.29
N LYS B 181 -9.42 -15.42 13.49
CA LYS B 181 -8.49 -16.07 14.42
C LYS B 181 -7.78 -17.23 13.74
N ASP B 182 -8.54 -18.09 13.04
CA ASP B 182 -7.93 -19.27 12.42
C ASP B 182 -6.95 -18.86 11.32
N MET B 183 -7.31 -17.84 10.53
CA MET B 183 -6.39 -17.36 9.52
C MET B 183 -5.10 -16.86 10.14
N MET B 184 -5.20 -16.01 11.16
CA MET B 184 -4.01 -15.44 11.78
C MET B 184 -3.13 -16.55 12.33
N VAL B 185 -3.73 -17.54 12.98
CA VAL B 185 -2.93 -18.62 13.57
C VAL B 185 -2.21 -19.41 12.49
N GLN B 186 -2.90 -19.68 11.40
CA GLN B 186 -2.29 -20.48 10.35
C GLN B 186 -1.16 -19.72 9.68
N GLU B 187 -1.39 -18.46 9.34
CA GLU B 187 -0.31 -17.69 8.72
C GLU B 187 0.90 -17.58 9.64
N LEU B 188 0.66 -17.38 10.96
CA LEU B 188 1.76 -17.35 11.92
C LEU B 188 2.47 -18.69 11.99
N ARG B 189 1.70 -19.79 12.00
CA ARG B 189 2.34 -21.09 12.08
C ARG B 189 3.19 -21.35 10.85
N GLU B 190 2.67 -21.00 9.68
CA GLU B 190 3.43 -21.25 8.46
C GLU B 190 4.74 -20.46 8.48
N ALA B 191 4.66 -19.17 8.79
CA ALA B 191 5.87 -18.34 8.85
C ALA B 191 6.77 -18.77 10.00
N GLY B 192 6.19 -19.09 11.15
CA GLY B 192 7.01 -19.49 12.29
C GLY B 192 7.84 -20.71 12.01
N ARG B 193 7.24 -21.73 11.35
CA ARG B 193 7.98 -22.93 10.95
C ARG B 193 9.05 -22.60 9.94
N ALA B 194 8.70 -21.79 8.94
CA ALA B 194 9.66 -21.41 7.90
C ALA B 194 10.87 -20.69 8.47
N HIS B 195 10.66 -19.82 9.44
CA HIS B 195 11.73 -18.99 9.96
C HIS B 195 12.31 -19.53 11.26
N GLY B 196 11.87 -20.71 11.71
CA GLY B 196 12.45 -21.29 12.92
C GLY B 196 12.14 -20.54 14.19
N ALA B 197 10.98 -19.90 14.25
CA ALA B 197 10.65 -19.10 15.40
C ALA B 197 10.21 -19.96 16.58
N TRP B 198 9.72 -21.15 16.31
CA TRP B 198 9.36 -22.13 17.33
C TRP B 198 9.16 -23.47 16.56
#